data_8TGT
#
_entry.id   8TGT
#
_cell.length_a   107.037
_cell.length_b   49.664
_cell.length_c   80.403
_cell.angle_alpha   90.000
_cell.angle_beta   90.000
_cell.angle_gamma   90.000
#
_symmetry.space_group_name_H-M   'P 21 21 2'
#
loop_
_entity.id
_entity.type
_entity.pdbx_description
1 polymer 'M protein'
2 polymer 'C4b-binding protein alpha chain'
3 non-polymer 'CALCIUM ION'
4 non-polymer 1,2-ETHANEDIOL
5 water water
#
loop_
_entity_poly.entity_id
_entity_poly.type
_entity_poly.pdbx_seq_one_letter_code
_entity_poly.pdbx_strand_id
1 'polypeptide(L)'
;GPGSEEVKKAEESESKSAAK(MSE)WEN(MSE)YKELDRDYSLLEKTVEN(MSE)SLEN(MSE)ENLDKLNKENQGKLEK
LELDYLKKLDHEHKEHQKEQQEQEERQKNQEQLERQSQRE
;
A,B
2 'polypeptide(L)'
;GPGSNCGPPPTLSFAAPMDITLTETRFKTGTTLKYTCLPGYVRSHSTQTLTCNSDGEWVYNTFCIYKRCRHPGELRNGQV
EIKTDLSFGSQIEFSCSEGFFLIGSTTSRCEVQDRGVGWSHPLPQCEI
;
C
#
# COMPACT_ATOMS: atom_id res chain seq x y z
N SER A 15 29.31 32.10 -7.68
CA SER A 15 29.51 30.70 -7.34
C SER A 15 29.10 30.42 -5.90
N LYS A 16 29.33 31.39 -5.02
CA LYS A 16 28.93 31.24 -3.63
C LYS A 16 27.40 31.13 -3.50
N SER A 17 26.68 31.92 -4.29
CA SER A 17 25.23 31.81 -4.29
C SER A 17 24.77 30.52 -4.94
N ALA A 18 25.53 30.00 -5.91
CA ALA A 18 25.17 28.74 -6.54
C ALA A 18 25.37 27.57 -5.59
N ALA A 19 26.41 27.62 -4.76
CA ALA A 19 26.67 26.54 -3.81
C ALA A 19 25.65 26.54 -2.68
N LYS A 20 25.18 27.72 -2.26
CA LYS A 20 24.19 27.78 -1.19
C LYS A 20 22.82 27.32 -1.67
N TRP A 22 22.20 25.00 -4.08
CA TRP A 22 22.21 23.55 -4.21
C TRP A 22 22.33 22.85 -2.86
N GLU A 23 22.95 23.53 -1.89
CA GLU A 23 22.95 22.99 -0.52
C GLU A 23 21.56 23.05 0.09
N ASN A 24 20.86 24.18 -0.10
CA ASN A 24 19.51 24.32 0.46
C ASN A 24 18.51 23.42 -0.27
N TYR A 26 19.35 20.42 -1.66
CA TYR A 26 19.62 19.07 -1.19
C TYR A 26 19.07 18.85 0.21
N LYS A 27 19.27 19.82 1.10
CA LYS A 27 18.78 19.68 2.47
C LYS A 27 17.27 19.54 2.52
N GLU A 28 16.56 20.12 1.56
CA GLU A 28 15.13 19.91 1.46
C GLU A 28 14.80 18.57 0.80
N LEU A 29 15.60 18.17 -0.20
CA LEU A 29 15.46 16.84 -0.79
C LEU A 29 15.77 15.76 0.24
N ASP A 30 16.73 16.02 1.12
CA ASP A 30 17.06 15.04 2.16
C ASP A 30 15.97 14.98 3.21
N ARG A 31 15.37 16.12 3.56
CA ARG A 31 14.32 16.13 4.56
C ARG A 31 13.05 15.50 4.05
N ASP A 32 12.66 15.80 2.81
CA ASP A 32 11.46 15.20 2.24
C ASP A 32 11.63 13.69 2.05
N TYR A 33 12.86 13.24 1.76
CA TYR A 33 13.10 11.81 1.64
C TYR A 33 12.86 11.11 2.98
N SER A 34 13.27 11.73 4.08
CA SER A 34 13.02 11.15 5.39
C SER A 34 11.53 11.15 5.73
N LEU A 35 10.79 12.15 5.24
CA LEU A 35 9.35 12.17 5.47
C LEU A 35 8.65 11.07 4.67
N LEU A 36 9.09 10.84 3.43
CA LEU A 36 8.51 9.77 2.63
C LEU A 36 8.91 8.40 3.16
N GLU A 37 10.10 8.28 3.74
CA GLU A 37 10.52 7.01 4.31
C GLU A 37 9.70 6.66 5.55
N LYS A 38 9.45 7.64 6.42
CA LYS A 38 8.61 7.39 7.58
C LYS A 38 7.14 7.22 7.20
N THR A 39 6.72 7.83 6.09
CA THR A 39 5.35 7.65 5.64
C THR A 39 5.11 6.22 5.15
N VAL A 40 6.08 5.65 4.44
CA VAL A 40 5.94 4.28 3.97
C VAL A 40 6.17 3.28 5.12
N GLU A 41 7.02 3.65 6.09
CA GLU A 41 7.26 2.75 7.22
C GLU A 41 6.02 2.64 8.10
N ASN A 42 5.35 3.76 8.35
CA ASN A 42 4.13 3.72 9.16
C ASN A 42 2.98 3.07 8.40
N SER A 44 3.34 0.70 6.11
CA SER A 44 3.63 -0.73 6.07
C SER A 44 3.36 -1.39 7.42
N LEU A 45 3.58 -0.67 8.52
CA LEU A 45 3.31 -1.23 9.84
C LEU A 45 1.80 -1.27 10.11
N GLU A 46 1.07 -0.25 9.65
CA GLU A 46 -0.37 -0.23 9.85
C GLU A 46 -1.06 -1.31 9.03
N ASN A 47 -0.51 -1.65 7.86
CA ASN A 47 -1.09 -2.72 7.06
C ASN A 47 -0.89 -4.08 7.70
N GLU A 49 -0.66 -4.54 10.95
CA GLU A 49 -1.58 -4.55 12.08
C GLU A 49 -3.01 -4.78 11.62
N ASN A 50 -3.38 -4.25 10.46
CA ASN A 50 -4.72 -4.50 9.93
C ASN A 50 -4.90 -5.95 9.53
N LEU A 51 -3.85 -6.56 8.95
CA LEU A 51 -3.93 -7.97 8.59
C LEU A 51 -3.95 -8.86 9.83
N ASP A 52 -3.27 -8.45 10.90
CA ASP A 52 -3.31 -9.23 12.14
C ASP A 52 -4.70 -9.20 12.77
N LYS A 53 -5.36 -8.03 12.73
CA LYS A 53 -6.73 -7.95 13.24
C LYS A 53 -7.70 -8.72 12.36
N LEU A 54 -7.42 -8.79 11.06
CA LEU A 54 -8.29 -9.55 10.16
C LEU A 54 -8.18 -11.05 10.45
N ASN A 55 -6.97 -11.54 10.67
CA ASN A 55 -6.81 -12.96 10.99
C ASN A 55 -7.28 -13.27 12.40
N LYS A 56 -7.12 -12.33 13.34
CA LYS A 56 -7.62 -12.54 14.69
C LYS A 56 -9.14 -12.53 14.72
N GLU A 57 -9.76 -11.61 13.98
CA GLU A 57 -11.22 -11.60 13.86
C GLU A 57 -11.71 -12.83 13.12
N ASN A 58 -10.90 -13.35 12.18
CA ASN A 58 -11.26 -14.57 11.49
C ASN A 58 -11.28 -15.76 12.44
N GLN A 59 -10.15 -16.02 13.11
CA GLN A 59 -10.04 -17.17 14.00
C GLN A 59 -11.15 -17.19 15.05
N GLY A 60 -11.64 -16.01 15.45
CA GLY A 60 -12.80 -15.96 16.31
C GLY A 60 -14.08 -16.43 15.64
N LYS A 61 -14.15 -16.37 14.32
CA LYS A 61 -15.32 -16.85 13.60
C LYS A 61 -15.24 -18.36 13.35
N LEU A 62 -14.04 -18.89 13.12
CA LEU A 62 -13.89 -20.34 13.04
C LEU A 62 -14.30 -21.00 14.35
N GLU A 63 -13.89 -20.43 15.47
CA GLU A 63 -14.27 -20.98 16.77
C GLU A 63 -15.77 -20.91 17.00
N LYS A 64 -16.43 -19.86 16.50
CA LYS A 64 -17.88 -19.78 16.64
C LYS A 64 -18.58 -20.86 15.84
N LEU A 65 -18.03 -21.20 14.66
CA LEU A 65 -18.61 -22.27 13.85
C LEU A 65 -18.44 -23.62 14.53
N GLU A 66 -17.27 -23.86 15.13
CA GLU A 66 -17.05 -25.13 15.82
C GLU A 66 -17.87 -25.21 17.10
N LEU A 67 -18.00 -24.09 17.82
CA LEU A 67 -18.81 -24.07 19.03
C LEU A 67 -20.27 -24.40 18.72
N ASP A 68 -20.82 -23.75 17.68
CA ASP A 68 -22.20 -24.02 17.29
C ASP A 68 -22.37 -25.44 16.77
N TYR A 69 -21.36 -25.97 16.07
CA TYR A 69 -21.43 -27.33 15.56
C TYR A 69 -21.43 -28.35 16.71
N LEU A 70 -20.57 -28.12 17.71
CA LEU A 70 -20.53 -29.04 18.84
C LEU A 70 -21.77 -28.89 19.72
N LYS A 71 -22.24 -27.65 19.92
CA LYS A 71 -23.42 -27.44 20.74
C LYS A 71 -24.66 -28.04 20.08
N LYS A 72 -24.75 -27.97 18.74
CA LYS A 72 -25.88 -28.56 18.04
C LYS A 72 -25.77 -30.08 18.03
N LEU A 73 -24.56 -30.61 17.84
CA LEU A 73 -24.35 -32.05 17.88
C LEU A 73 -24.62 -32.61 19.28
N ASP A 74 -24.23 -31.87 20.31
CA ASP A 74 -24.55 -32.28 21.68
C ASP A 74 -26.03 -32.18 21.97
N HIS A 75 -26.69 -31.17 21.40
CA HIS A 75 -28.14 -31.04 21.58
C HIS A 75 -28.88 -32.18 20.91
N GLU A 76 -28.38 -32.65 19.76
CA GLU A 76 -29.03 -33.75 19.06
C GLU A 76 -28.90 -35.05 19.84
N HIS A 77 -27.78 -35.26 20.54
CA HIS A 77 -27.62 -36.45 21.36
C HIS A 77 -28.64 -36.46 22.50
N LYS A 78 -28.86 -35.31 23.12
CA LYS A 78 -29.82 -35.24 24.22
C LYS A 78 -31.25 -35.38 23.74
N GLU A 79 -31.54 -34.91 22.51
CA GLU A 79 -32.89 -35.06 21.97
C GLU A 79 -33.22 -36.52 21.71
N HIS A 80 -32.25 -37.30 21.25
CA HIS A 80 -32.48 -38.73 21.01
C HIS A 80 -32.66 -39.50 22.31
N GLN A 81 -32.10 -39.00 23.42
CA GLN A 81 -32.32 -39.65 24.71
C GLN A 81 -33.73 -39.42 25.21
N LYS A 82 -34.20 -38.17 25.17
CA LYS A 82 -35.57 -37.88 25.56
C LYS A 82 -36.58 -38.47 24.58
N GLU A 83 -36.17 -38.75 23.35
CA GLU A 83 -37.07 -39.38 22.39
C GLU A 83 -37.37 -40.82 22.78
N GLN A 84 -36.33 -41.60 23.10
CA GLN A 84 -36.56 -42.99 23.45
C GLN A 84 -37.25 -43.12 24.81
N GLN A 85 -36.92 -42.24 25.75
CA GLN A 85 -37.58 -42.26 27.06
C GLN A 85 -39.06 -41.93 26.94
N GLU A 86 -39.42 -41.05 26.01
CA GLU A 86 -40.83 -40.74 25.79
C GLU A 86 -41.54 -41.87 25.03
N GLN A 87 -40.80 -42.62 24.21
CA GLN A 87 -41.41 -43.74 23.49
C GLN A 87 -41.60 -44.95 24.40
N GLU A 88 -40.71 -45.15 25.37
CA GLU A 88 -40.86 -46.29 26.28
C GLU A 88 -42.03 -46.07 27.23
N GLU A 89 -42.25 -44.83 27.66
CA GLU A 89 -43.37 -44.53 28.55
C GLU A 89 -44.71 -44.62 27.82
N ARG A 90 -44.75 -44.12 26.58
CA ARG A 90 -45.97 -44.16 25.78
C ARG A 90 -46.20 -45.55 25.19
N GLU B 5 45.41 38.66 -1.10
CA GLU B 5 45.06 38.85 -2.50
C GLU B 5 44.72 37.52 -3.15
N GLU B 6 45.59 36.52 -2.95
CA GLU B 6 45.35 35.19 -3.49
C GLU B 6 44.21 34.47 -2.79
N VAL B 7 43.67 35.03 -1.71
CA VAL B 7 42.55 34.40 -1.02
C VAL B 7 41.32 34.39 -1.93
N LYS B 8 41.04 35.50 -2.60
CA LYS B 8 39.88 35.57 -3.47
C LYS B 8 39.88 34.47 -4.53
N LYS B 9 41.06 34.09 -5.02
CA LYS B 9 41.14 32.97 -5.95
C LYS B 9 40.83 31.65 -5.25
N ALA B 10 41.09 31.56 -3.95
CA ALA B 10 40.79 30.34 -3.21
C ALA B 10 39.33 30.25 -2.81
N GLU B 11 38.68 31.40 -2.57
CA GLU B 11 37.26 31.38 -2.24
C GLU B 11 36.42 30.97 -3.45
N GLU B 12 36.70 31.56 -4.61
CA GLU B 12 35.97 31.18 -5.81
C GLU B 12 36.24 29.74 -6.21
N SER B 13 37.46 29.25 -5.98
CA SER B 13 37.75 27.85 -6.26
C SER B 13 37.00 26.92 -5.32
N GLU B 14 36.93 27.29 -4.03
CA GLU B 14 36.20 26.48 -3.08
C GLU B 14 34.69 26.54 -3.32
N SER B 15 34.19 27.72 -3.68
CA SER B 15 32.76 27.86 -3.96
C SER B 15 32.36 27.08 -5.21
N LYS B 16 33.24 27.04 -6.21
CA LYS B 16 32.93 26.32 -7.44
C LYS B 16 32.90 24.81 -7.19
N SER B 17 33.86 24.29 -6.42
CA SER B 17 33.85 22.87 -6.11
C SER B 17 32.70 22.50 -5.18
N ALA B 18 32.33 23.42 -4.27
CA ALA B 18 31.17 23.17 -3.42
C ALA B 18 29.88 23.19 -4.22
N ALA B 19 29.78 24.10 -5.20
CA ALA B 19 28.60 24.13 -6.06
C ALA B 19 28.50 22.85 -6.89
N LYS B 20 29.62 22.35 -7.40
CA LYS B 20 29.63 21.09 -8.12
C LYS B 20 29.42 19.89 -7.19
N TRP B 22 27.24 19.96 -4.00
CA TRP B 22 25.84 19.96 -3.60
C TRP B 22 24.90 19.71 -4.79
N GLU B 23 25.34 20.02 -6.00
CA GLU B 23 24.54 19.67 -7.18
C GLU B 23 24.66 18.19 -7.52
N ASN B 24 25.84 17.61 -7.31
CA ASN B 24 26.06 16.22 -7.71
C ASN B 24 25.33 15.25 -6.78
N TYR B 26 22.77 16.00 -5.10
CA TYR B 26 21.35 16.20 -5.40
C TYR B 26 20.90 15.29 -6.53
N LYS B 27 21.72 15.17 -7.58
CA LYS B 27 21.37 14.31 -8.71
C LYS B 27 21.24 12.85 -8.27
N GLU B 28 22.10 12.41 -7.36
CA GLU B 28 22.02 11.04 -6.87
C GLU B 28 20.78 10.84 -5.99
N LEU B 29 20.50 11.80 -5.10
CA LEU B 29 19.34 11.68 -4.23
C LEU B 29 18.05 11.91 -5.01
N ASP B 30 18.07 12.76 -6.04
CA ASP B 30 16.88 12.96 -6.86
C ASP B 30 16.49 11.69 -7.61
N ARG B 31 17.46 10.86 -7.98
CA ARG B 31 17.14 9.59 -8.61
C ARG B 31 16.58 8.59 -7.61
N ASP B 32 17.14 8.59 -6.39
CA ASP B 32 16.62 7.71 -5.34
C ASP B 32 15.29 8.19 -4.81
N TYR B 33 15.07 9.51 -4.80
CA TYR B 33 13.78 10.04 -4.34
C TYR B 33 12.65 9.65 -5.28
N SER B 34 12.94 9.48 -6.57
CA SER B 34 11.92 9.02 -7.50
C SER B 34 11.47 7.60 -7.20
N LEU B 35 12.39 6.75 -6.71
CA LEU B 35 12.00 5.40 -6.33
C LEU B 35 11.15 5.41 -5.06
N LEU B 36 11.38 6.37 -4.16
CA LEU B 36 10.57 6.48 -2.97
C LEU B 36 9.23 7.16 -3.25
N GLU B 37 9.17 8.00 -4.27
CA GLU B 37 7.90 8.64 -4.63
C GLU B 37 6.95 7.65 -5.29
N LYS B 38 7.48 6.61 -5.93
CA LYS B 38 6.66 5.61 -6.61
C LYS B 38 6.19 4.52 -5.64
N THR B 39 7.05 4.11 -4.70
CA THR B 39 6.67 3.07 -3.75
C THR B 39 5.67 3.54 -2.71
N VAL B 40 5.41 4.86 -2.64
CA VAL B 40 4.39 5.35 -1.71
C VAL B 40 3.00 4.88 -2.16
N GLU B 41 2.71 4.99 -3.44
CA GLU B 41 1.43 4.53 -3.99
C GLU B 41 1.64 3.51 -5.11
N SER B 44 0.24 1.79 -1.47
CA SER B 44 -1.17 2.13 -1.31
C SER B 44 -2.06 1.08 -1.95
N LEU B 45 -1.86 0.84 -3.25
CA LEU B 45 -2.64 -0.19 -3.94
C LEU B 45 -2.20 -1.58 -3.53
N GLU B 46 -0.92 -1.76 -3.20
CA GLU B 46 -0.46 -3.07 -2.75
C GLU B 46 -1.05 -3.45 -1.40
N ASN B 47 -1.34 -2.46 -0.55
CA ASN B 47 -1.95 -2.75 0.73
C ASN B 47 -3.45 -2.96 0.62
N GLU B 49 -4.93 -4.14 -2.00
CA GLU B 49 -5.09 -5.44 -2.63
C GLU B 49 -4.68 -6.58 -1.71
N ASN B 50 -3.77 -6.33 -0.77
CA ASN B 50 -3.39 -7.36 0.19
C ASN B 50 -4.52 -7.62 1.18
N LEU B 51 -5.16 -6.58 1.68
CA LEU B 51 -6.28 -6.76 2.59
C LEU B 51 -7.49 -7.35 1.87
N ASP B 52 -7.68 -7.02 0.60
CA ASP B 52 -8.78 -7.58 -0.16
C ASP B 52 -8.53 -9.04 -0.52
N LYS B 53 -7.27 -9.41 -0.77
CA LYS B 53 -6.96 -10.79 -1.09
C LYS B 53 -7.09 -11.70 0.13
N LEU B 54 -6.71 -11.19 1.31
CA LEU B 54 -6.84 -11.99 2.53
C LEU B 54 -8.29 -12.16 2.94
N ASN B 55 -9.14 -11.17 2.66
CA ASN B 55 -10.55 -11.28 3.00
C ASN B 55 -11.25 -12.35 2.17
N LYS B 56 -10.80 -12.56 0.93
CA LYS B 56 -11.41 -13.59 0.09
C LYS B 56 -11.00 -14.98 0.55
N GLU B 57 -9.72 -15.17 0.86
CA GLU B 57 -9.27 -16.48 1.33
C GLU B 57 -9.87 -16.83 2.68
N ASN B 58 -10.01 -15.82 3.57
CA ASN B 58 -10.59 -16.08 4.87
C ASN B 58 -12.07 -16.42 4.76
N GLN B 59 -12.78 -15.81 3.82
CA GLN B 59 -14.20 -16.12 3.64
C GLN B 59 -14.39 -17.48 2.97
N GLY B 60 -13.44 -17.89 2.12
CA GLY B 60 -13.48 -19.24 1.59
C GLY B 60 -13.28 -20.30 2.66
N LYS B 61 -12.59 -19.95 3.75
CA LYS B 61 -12.43 -20.89 4.86
C LYS B 61 -13.70 -20.96 5.70
N LEU B 62 -14.35 -19.82 5.94
CA LEU B 62 -15.59 -19.83 6.71
C LEU B 62 -16.71 -20.52 5.97
N GLU B 63 -16.71 -20.45 4.64
CA GLU B 63 -17.77 -21.08 3.86
C GLU B 63 -17.55 -22.58 3.71
N LYS B 64 -16.30 -23.00 3.52
CA LYS B 64 -16.00 -24.43 3.40
C LYS B 64 -16.19 -25.15 4.72
N LEU B 65 -15.89 -24.48 5.84
CA LEU B 65 -16.08 -25.11 7.15
C LEU B 65 -17.55 -25.20 7.52
N GLU B 66 -18.31 -24.13 7.26
CA GLU B 66 -19.74 -24.15 7.57
C GLU B 66 -20.47 -25.19 6.74
N LEU B 67 -20.13 -25.30 5.46
CA LEU B 67 -20.74 -26.33 4.62
C LEU B 67 -20.40 -27.72 5.11
N ASP B 68 -19.16 -27.92 5.55
CA ASP B 68 -18.75 -29.22 6.09
C ASP B 68 -19.50 -29.55 7.36
N TYR B 69 -19.73 -28.55 8.23
CA TYR B 69 -20.49 -28.80 9.45
C TYR B 69 -21.96 -29.02 9.14
N LEU B 70 -22.50 -28.29 8.16
CA LEU B 70 -23.89 -28.49 7.78
C LEU B 70 -24.10 -29.85 7.13
N LYS B 71 -23.09 -30.37 6.44
CA LYS B 71 -23.20 -31.71 5.87
C LYS B 71 -23.18 -32.78 6.96
N LYS B 72 -22.32 -32.61 7.97
CA LYS B 72 -22.26 -33.59 9.06
C LYS B 72 -23.52 -33.54 9.91
N LEU B 73 -24.05 -32.34 10.16
CA LEU B 73 -25.28 -32.23 10.92
C LEU B 73 -26.44 -32.87 10.17
N ASP B 74 -26.48 -32.69 8.85
CA ASP B 74 -27.51 -33.35 8.05
C ASP B 74 -27.25 -34.84 7.92
N HIS B 75 -25.98 -35.25 7.97
CA HIS B 75 -25.65 -36.67 7.92
C HIS B 75 -26.08 -37.38 9.20
N GLU B 76 -25.89 -36.73 10.35
CA GLU B 76 -26.32 -37.32 11.61
C GLU B 76 -27.83 -37.51 11.64
N HIS B 77 -28.57 -36.48 11.24
CA HIS B 77 -30.03 -36.57 11.25
C HIS B 77 -30.53 -37.63 10.31
N LYS B 78 -29.83 -37.86 9.20
CA LYS B 78 -30.25 -38.91 8.26
C LYS B 78 -30.10 -40.29 8.87
N GLU B 79 -28.96 -40.55 9.51
CA GLU B 79 -28.74 -41.85 10.14
C GLU B 79 -29.68 -42.07 11.31
N HIS B 80 -30.04 -41.00 12.04
CA HIS B 80 -30.99 -41.14 13.15
C HIS B 80 -32.38 -41.49 12.63
N GLN B 81 -32.83 -40.83 11.57
CA GLN B 81 -34.13 -41.15 11.00
C GLN B 81 -34.15 -42.56 10.42
N LYS B 82 -33.01 -43.05 9.95
CA LYS B 82 -32.94 -44.41 9.41
C LYS B 82 -32.83 -45.45 10.51
N GLU B 83 -32.13 -45.13 11.61
CA GLU B 83 -32.02 -46.08 12.71
C GLU B 83 -33.35 -46.24 13.45
N GLN B 84 -34.10 -45.14 13.59
CA GLN B 84 -35.42 -45.24 14.22
C GLN B 84 -36.39 -46.02 13.34
N GLN B 85 -36.26 -45.90 12.01
CA GLN B 85 -37.11 -46.68 11.11
C GLN B 85 -36.71 -48.16 11.13
N GLU B 86 -35.43 -48.46 11.40
CA GLU B 86 -35.02 -49.85 11.50
C GLU B 86 -35.50 -50.47 12.81
N GLN B 87 -35.45 -49.71 13.90
CA GLN B 87 -35.96 -50.22 15.17
C GLN B 87 -37.48 -50.40 15.13
N GLU B 88 -38.17 -49.61 14.33
CA GLU B 88 -39.62 -49.79 14.19
C GLU B 88 -39.92 -51.07 13.41
N GLU B 89 -39.18 -51.33 12.33
CA GLU B 89 -39.37 -52.57 11.58
C GLU B 89 -38.93 -53.79 12.36
N ARG B 90 -38.15 -53.60 13.42
CA ARG B 90 -37.73 -54.74 14.24
C ARG B 90 -38.77 -55.09 15.29
N GLN B 91 -39.37 -54.09 15.92
CA GLN B 91 -40.44 -54.35 16.87
C GLN B 91 -41.68 -54.90 16.19
N LYS B 92 -41.91 -54.52 14.93
CA LYS B 92 -43.04 -55.08 14.18
C LYS B 92 -42.84 -56.56 13.90
N ASN B 93 -41.61 -56.96 13.54
CA ASN B 93 -41.33 -58.37 13.31
C ASN B 93 -41.34 -59.15 14.63
N GLN B 94 -40.96 -58.52 15.73
CA GLN B 94 -40.94 -59.18 17.03
C GLN B 94 -42.30 -59.06 17.71
N LEU B 97 -43.76 -61.98 15.40
CA LEU B 97 -43.31 -63.35 15.58
C LEU B 97 -43.89 -63.96 16.86
N GLU B 98 -44.88 -63.28 17.43
CA GLU B 98 -45.52 -63.75 18.65
C GLU B 98 -46.94 -63.21 18.76
N LEU C 33 -13.79 12.18 7.76
CA LEU C 33 -13.64 12.44 6.33
C LEU C 33 -12.23 12.10 5.85
N LYS C 34 -12.15 11.28 4.80
CA LYS C 34 -10.87 10.84 4.24
C LYS C 34 -10.67 11.55 2.90
N TYR C 35 -9.66 12.41 2.84
CA TYR C 35 -9.33 13.15 1.64
C TYR C 35 -8.22 12.43 0.87
N THR C 36 -7.88 12.97 -0.30
CA THR C 36 -6.85 12.39 -1.15
C THR C 36 -6.01 13.51 -1.77
N CYS C 37 -4.77 13.18 -2.09
CA CYS C 37 -3.86 14.14 -2.70
C CYS C 37 -4.27 14.39 -4.14
N LEU C 38 -4.30 15.67 -4.53
CA LEU C 38 -4.68 16.04 -5.89
C LEU C 38 -3.54 15.77 -6.87
N TYR C 41 1.26 17.21 -6.49
CA TYR C 41 1.07 16.91 -5.08
C TYR C 41 1.24 15.42 -4.80
N VAL C 42 1.89 15.10 -3.68
CA VAL C 42 2.12 13.71 -3.30
C VAL C 42 2.39 13.68 -1.81
N ARG C 43 1.79 12.70 -1.13
CA ARG C 43 1.99 12.53 0.31
C ARG C 43 1.60 11.11 0.74
N SER C 46 0.51 9.76 6.24
CA SER C 46 -0.05 8.42 6.34
C SER C 46 -1.43 8.44 7.00
N THR C 47 -2.11 9.58 6.91
CA THR C 47 -3.44 9.72 7.47
C THR C 47 -4.36 10.48 6.53
N ILE C 65 2.53 16.90 0.32
CA ILE C 65 3.45 17.96 -0.04
C ILE C 65 3.54 18.10 -1.55
N TYR C 66 4.38 19.04 -2.01
CA TYR C 66 4.53 19.28 -3.43
C TYR C 66 5.23 18.12 -4.12
N LYS C 67 4.71 17.74 -5.30
CA LYS C 67 5.43 16.82 -6.16
C LYS C 67 6.67 17.50 -6.72
N ARG C 68 7.65 16.69 -7.12
CA ARG C 68 8.94 17.18 -7.54
C ARG C 68 9.27 16.72 -8.95
N CYS C 69 9.77 17.64 -9.77
CA CYS C 69 10.25 17.32 -11.10
C CYS C 69 11.70 16.85 -11.02
N ARG C 70 12.10 16.04 -12.01
CA ARG C 70 13.47 15.54 -12.04
C ARG C 70 14.44 16.67 -12.39
N HIS C 71 15.73 16.35 -12.32
CA HIS C 71 16.74 17.33 -12.66
C HIS C 71 16.61 17.72 -14.13
N PRO C 72 16.69 19.01 -14.45
CA PRO C 72 16.49 19.44 -15.85
C PRO C 72 17.66 19.14 -16.75
N GLY C 73 18.82 18.80 -16.21
CA GLY C 73 20.00 18.56 -17.01
C GLY C 73 20.87 19.80 -17.13
N GLU C 74 21.86 19.70 -18.00
CA GLU C 74 22.81 20.78 -18.25
C GLU C 74 22.68 21.25 -19.69
N LEU C 75 22.51 22.56 -19.87
CA LEU C 75 22.35 23.15 -21.19
C LEU C 75 23.72 23.48 -21.76
N ARG C 76 24.17 22.70 -22.75
CA ARG C 76 25.48 22.92 -23.34
C ARG C 76 25.56 24.31 -23.96
N ASN C 77 26.67 25.00 -23.70
CA ASN C 77 26.87 26.39 -24.14
C ASN C 77 25.75 27.30 -23.65
N GLY C 78 25.21 27.00 -22.47
CA GLY C 78 24.14 27.79 -21.90
C GLY C 78 24.07 27.71 -20.39
N GLN C 79 23.00 28.26 -19.80
CA GLN C 79 22.83 28.28 -18.36
C GLN C 79 21.38 27.97 -18.01
N VAL C 80 21.18 27.19 -16.95
CA VAL C 80 19.85 26.84 -16.46
C VAL C 80 19.68 27.52 -15.11
N GLU C 81 18.78 28.51 -15.06
CA GLU C 81 18.53 29.26 -13.84
C GLU C 81 17.34 28.67 -13.10
N ILE C 82 17.54 28.34 -11.83
CA ILE C 82 16.50 27.78 -10.99
C ILE C 82 15.98 28.91 -10.11
N LYS C 83 14.71 29.30 -10.31
CA LYS C 83 14.15 30.43 -9.58
C LYS C 83 13.85 30.06 -8.14
N THR C 84 13.08 28.99 -7.93
CA THR C 84 12.69 28.57 -6.60
C THR C 84 13.27 27.18 -6.38
N ASP C 85 12.45 26.12 -6.41
CA ASP C 85 12.99 24.77 -6.30
C ASP C 85 12.74 23.97 -7.57
N LEU C 86 12.78 22.64 -7.48
CA LEU C 86 12.44 21.78 -8.61
C LEU C 86 11.09 21.11 -8.42
N SER C 87 10.23 21.68 -7.58
CA SER C 87 8.95 21.08 -7.24
C SER C 87 7.85 21.52 -8.20
N PHE C 88 6.65 21.01 -7.97
CA PHE C 88 5.51 21.33 -8.83
C PHE C 88 5.14 22.80 -8.68
N GLY C 89 4.89 23.47 -9.81
CA GLY C 89 4.54 24.87 -9.85
C GLY C 89 5.71 25.80 -10.11
N SER C 90 6.92 25.39 -9.75
CA SER C 90 8.09 26.22 -9.98
C SER C 90 8.42 26.28 -11.47
N GLN C 91 9.31 27.20 -11.82
CA GLN C 91 9.73 27.39 -13.20
C GLN C 91 11.23 27.65 -13.27
N ILE C 92 11.81 27.33 -14.42
CA ILE C 92 13.23 27.56 -14.68
C ILE C 92 13.37 28.37 -15.95
N GLU C 93 14.52 29.04 -16.07
CA GLU C 93 14.80 29.90 -17.22
C GLU C 93 16.07 29.42 -17.92
N PHE C 94 16.13 29.65 -19.23
CA PHE C 94 17.24 29.21 -20.05
C PHE C 94 17.89 30.40 -20.73
N SER C 95 19.21 30.36 -20.84
CA SER C 95 20.00 31.38 -21.52
C SER C 95 21.14 30.70 -22.26
N CYS C 96 21.53 31.27 -23.38
CA CYS C 96 22.66 30.77 -24.16
C CYS C 96 23.85 31.71 -23.99
N SER C 97 25.03 31.19 -24.33
CA SER C 97 26.27 31.94 -24.18
C SER C 97 26.34 33.04 -25.25
N GLU C 98 27.42 33.82 -25.18
CA GLU C 98 27.61 34.92 -26.13
C GLU C 98 27.77 34.39 -27.55
N GLY C 99 27.02 34.96 -28.48
CA GLY C 99 27.04 34.52 -29.86
C GLY C 99 26.23 33.28 -30.13
N PHE C 100 25.34 32.87 -29.22
CA PHE C 100 24.52 31.68 -29.36
C PHE C 100 23.06 32.07 -29.37
N PHE C 101 22.31 31.51 -30.32
CA PHE C 101 20.87 31.72 -30.41
C PHE C 101 20.14 30.59 -29.70
N LEU C 102 19.14 30.94 -28.90
CA LEU C 102 18.34 29.96 -28.18
C LEU C 102 17.28 29.40 -29.11
N ILE C 103 17.37 28.12 -29.43
CA ILE C 103 16.43 27.43 -30.30
C ILE C 103 15.55 26.55 -29.41
N GLY C 104 14.36 27.05 -29.09
CA GLY C 104 13.43 26.34 -28.25
C GLY C 104 12.83 27.27 -27.22
N SER C 105 12.24 26.68 -26.18
CA SER C 105 11.57 27.47 -25.15
C SER C 105 12.59 28.20 -24.27
N THR C 106 12.18 29.37 -23.79
CA THR C 106 13.00 30.14 -22.86
C THR C 106 12.76 29.78 -21.41
N THR C 107 11.58 29.25 -21.09
CA THR C 107 11.23 28.84 -19.74
C THR C 107 10.64 27.44 -19.77
N SER C 108 10.44 26.89 -18.57
CA SER C 108 9.83 25.57 -18.42
C SER C 108 9.27 25.45 -17.02
N ARG C 109 8.07 24.88 -16.91
CA ARG C 109 7.38 24.75 -15.64
C ARG C 109 7.11 23.29 -15.33
N CYS C 110 7.12 22.96 -14.03
CA CYS C 110 6.79 21.62 -13.56
C CYS C 110 5.28 21.48 -13.54
N GLU C 111 4.72 20.98 -14.64
CA GLU C 111 3.28 20.86 -14.81
C GLU C 111 2.80 19.46 -14.42
N VAL C 112 1.50 19.34 -14.26
CA VAL C 112 0.88 18.06 -13.90
C VAL C 112 0.46 17.31 -15.16
N VAL C 117 4.02 14.32 -12.69
CA VAL C 117 4.45 15.67 -13.03
C VAL C 117 5.65 15.62 -13.99
N GLY C 118 5.83 16.69 -14.75
CA GLY C 118 6.91 16.74 -15.72
C GLY C 118 7.15 18.17 -16.18
N TRP C 119 8.27 18.34 -16.88
CA TRP C 119 8.64 19.65 -17.39
C TRP C 119 7.77 20.00 -18.60
N SER C 120 7.20 21.21 -18.58
CA SER C 120 6.32 21.63 -19.67
C SER C 120 7.07 21.73 -20.99
N HIS C 121 8.30 22.24 -20.95
CA HIS C 121 9.10 22.39 -22.15
C HIS C 121 10.44 21.69 -22.00
N PRO C 122 10.95 21.08 -23.08
CA PRO C 122 12.22 20.34 -22.97
C PRO C 122 13.43 21.27 -22.96
N LEU C 123 14.61 20.69 -23.09
CA LEU C 123 15.84 21.49 -23.08
C LEU C 123 15.97 22.22 -24.41
N PRO C 124 16.18 23.54 -24.41
CA PRO C 124 16.44 24.25 -25.67
C PRO C 124 17.83 23.96 -26.20
N GLN C 125 18.22 24.63 -27.27
CA GLN C 125 19.52 24.42 -27.89
C GLN C 125 20.17 25.76 -28.19
N CYS C 126 21.50 25.76 -28.17
CA CYS C 126 22.30 26.94 -28.53
C CYS C 126 23.16 26.54 -29.73
N GLU C 127 22.84 27.07 -30.89
CA GLU C 127 23.49 26.69 -32.16
C GLU C 127 23.38 25.19 -32.41
#